data_2XVP
#
_entry.id   2XVP
#
_cell.length_a   76.729
_cell.length_b   126.077
_cell.length_c   213.412
_cell.angle_alpha   90.00
_cell.angle_beta   90.00
_cell.angle_gamma   90.00
#
_symmetry.space_group_name_H-M   'I 21 21 21'
#
loop_
_entity.id
_entity.type
_entity.pdbx_description
1 polymer 'CLASS III CHITINASE CHIA1'
2 non-polymer 'PHOSPHATE ION'
3 water water
#
_entity_poly.entity_id   1
_entity_poly.type   'polypeptide(L)'
_entity_poly.pdbx_seq_one_letter_code
;FSNLAIYWGQGPNQLRLSHFCQETSLDIINIGFINYFPDMSPGHWPGSNFGNQCDGSVYVTNDGVVTKLLSGCHQIMEDI
PICQAAGKKVLLSIGGAYPPDQSILSEDSAVAFATFLWGAFGPVAEGWEGPRPFGDVVVDGFDFDIEHNGGFGYATMVNT
FRQYFNQVPERKFYLSAAPQCIIPDAQLSDAIFNAAFDFIWIQYYNTAACSAKSFIDTSLGTFNFDAWVTVLKASASKDA
KLYVGLPASETAANQGYYLTPDEVESLVSTYMDRYPDTFGGIMLWEATASENNQIDGAPYADHMKDILLH
;
_entity_poly.pdbx_strand_id   A,B
#
# COMPACT_ATOMS: atom_id res chain seq x y z
N PHE A 1 -11.19 5.64 -31.94
CA PHE A 1 -12.03 4.40 -32.02
C PHE A 1 -11.48 3.31 -31.08
N SER A 2 -10.16 3.26 -30.88
CA SER A 2 -9.60 2.47 -29.78
C SER A 2 -9.98 3.08 -28.41
N ASN A 3 -9.81 2.31 -27.33
CA ASN A 3 -10.32 2.70 -26.02
C ASN A 3 -9.17 2.80 -25.01
N LEU A 4 -9.43 3.52 -23.94
CA LEU A 4 -8.48 3.62 -22.84
C LEU A 4 -9.17 3.07 -21.59
N ALA A 5 -8.62 2.00 -21.00
CA ALA A 5 -9.18 1.43 -19.78
C ALA A 5 -8.24 1.76 -18.63
N ILE A 6 -8.76 1.89 -17.42
CA ILE A 6 -7.89 2.16 -16.25
C ILE A 6 -8.50 1.47 -15.02
N TYR A 7 -7.65 1.09 -14.07
CA TYR A 7 -8.09 0.50 -12.81
C TYR A 7 -8.22 1.62 -11.78
N TRP A 8 -9.21 1.49 -10.91
CA TRP A 8 -9.38 2.41 -9.79
C TRP A 8 -9.76 1.57 -8.56
N GLY A 9 -9.38 2.02 -7.37
CA GLY A 9 -9.89 1.39 -6.17
C GLY A 9 -8.78 1.09 -5.19
N GLN A 10 -7.55 0.92 -5.72
CA GLN A 10 -6.39 0.55 -4.90
C GLN A 10 -5.30 1.63 -4.88
N GLY A 11 -5.66 2.86 -5.30
CA GLY A 11 -4.69 3.96 -5.30
C GLY A 11 -4.49 4.54 -3.91
N PRO A 12 -3.24 4.62 -3.43
CA PRO A 12 -3.04 5.21 -2.09
C PRO A 12 -3.53 6.67 -2.07
N ASN A 13 -4.29 7.02 -1.04
CA ASN A 13 -4.96 8.33 -0.97
C ASN A 13 -5.73 8.69 -2.25
N GLN A 14 -6.24 7.68 -2.97
CA GLN A 14 -6.96 7.97 -4.23
C GLN A 14 -8.10 8.98 -4.04
N LEU A 15 -8.35 9.78 -5.07
CA LEU A 15 -9.54 10.64 -5.16
C LEU A 15 -10.73 9.68 -5.37
N ARG A 16 -11.93 10.10 -5.01
CA ARG A 16 -13.10 9.25 -5.23
C ARG A 16 -13.34 8.99 -6.72
N LEU A 17 -14.15 7.99 -7.02
CA LEU A 17 -14.39 7.58 -8.40
C LEU A 17 -14.90 8.71 -9.29
N SER A 18 -15.79 9.55 -8.76
CA SER A 18 -16.41 10.60 -9.57
C SER A 18 -15.37 11.51 -10.23
N HIS A 19 -14.24 11.74 -9.58
CA HIS A 19 -13.14 12.46 -10.25
C HIS A 19 -12.77 11.85 -11.61
N PHE A 20 -12.61 10.52 -11.65
CA PHE A 20 -12.29 9.83 -12.90
C PHE A 20 -13.49 9.69 -13.83
N CYS A 21 -14.70 9.63 -13.27
CA CYS A 21 -15.91 9.78 -14.11
C CYS A 21 -15.89 11.11 -14.92
N GLN A 22 -15.21 12.12 -14.38
CA GLN A 22 -15.19 13.45 -15.00
C GLN A 22 -14.06 13.61 -16.02
N GLU A 23 -13.22 12.58 -16.10
CA GLU A 23 -12.06 12.57 -17.02
C GLU A 23 -12.46 12.02 -18.41
N THR A 24 -12.62 12.95 -19.34
CA THR A 24 -13.11 12.65 -20.69
C THR A 24 -12.42 11.45 -21.33
N SER A 25 -11.10 11.42 -21.23
CA SER A 25 -10.23 10.45 -21.91
C SER A 25 -10.49 8.98 -21.58
N LEU A 26 -10.98 8.69 -20.36
CA LEU A 26 -11.22 7.32 -19.91
C LEU A 26 -12.47 6.72 -20.59
N ASP A 27 -12.33 5.52 -21.15
CA ASP A 27 -13.49 4.83 -21.74
C ASP A 27 -14.06 3.73 -20.82
N ILE A 28 -13.17 3.08 -20.08
CA ILE A 28 -13.53 1.91 -19.27
C ILE A 28 -12.85 2.08 -17.92
N ILE A 29 -13.60 1.92 -16.84
CA ILE A 29 -12.96 1.96 -15.49
C ILE A 29 -13.24 0.62 -14.81
N ASN A 30 -12.17 -0.07 -14.43
CA ASN A 30 -12.24 -1.35 -13.73
C ASN A 30 -12.10 -1.08 -12.23
N ILE A 31 -13.12 -1.41 -11.45
CA ILE A 31 -13.06 -1.12 -10.01
C ILE A 31 -12.52 -2.34 -9.27
N GLY A 32 -11.38 -2.17 -8.60
CA GLY A 32 -10.77 -3.32 -7.91
C GLY A 32 -10.87 -3.17 -6.39
N PHE A 33 -11.31 -4.21 -5.66
CA PHE A 33 -11.48 -5.58 -6.15
C PHE A 33 -12.47 -6.35 -5.28
N ILE A 34 -13.15 -7.30 -5.92
CA ILE A 34 -13.68 -8.48 -5.24
C ILE A 34 -12.45 -9.38 -5.08
N ASN A 35 -11.84 -9.29 -3.91
CA ASN A 35 -10.55 -9.95 -3.69
C ASN A 35 -10.62 -11.21 -2.83
N TYR A 36 -11.76 -11.46 -2.19
CA TYR A 36 -11.94 -12.70 -1.41
C TYR A 36 -12.96 -13.57 -2.08
N PHE A 37 -12.61 -14.85 -2.27
CA PHE A 37 -13.49 -15.75 -3.01
C PHE A 37 -14.30 -16.65 -2.04
N PRO A 38 -15.48 -17.16 -2.48
CA PRO A 38 -16.37 -17.86 -1.54
C PRO A 38 -15.84 -19.14 -0.91
N ASP A 39 -15.01 -19.91 -1.62
CA ASP A 39 -14.50 -21.19 -1.07
C ASP A 39 -13.60 -20.99 0.17
N MET A 40 -12.90 -19.89 0.26
CA MET A 40 -12.05 -19.69 1.44
C MET A 40 -12.35 -18.42 2.26
N SER A 41 -13.49 -17.77 2.01
CA SER A 41 -13.71 -16.51 2.71
C SER A 41 -14.76 -16.67 3.84
N PRO A 42 -14.72 -15.76 4.84
CA PRO A 42 -15.66 -15.82 5.98
C PRO A 42 -17.11 -15.82 5.48
N GLY A 43 -17.83 -16.86 5.85
CA GLY A 43 -19.24 -17.03 5.49
C GLY A 43 -19.50 -17.54 4.11
N HIS A 44 -18.43 -17.75 3.34
CA HIS A 44 -18.54 -18.31 2.00
C HIS A 44 -19.26 -17.35 1.06
N TRP A 45 -19.16 -16.08 1.39
CA TRP A 45 -19.58 -14.99 0.52
C TRP A 45 -18.32 -14.35 -0.05
N PRO A 46 -18.41 -13.76 -1.25
CA PRO A 46 -17.26 -13.03 -1.74
C PRO A 46 -16.92 -11.87 -0.77
N GLY A 47 -15.69 -11.36 -0.82
CA GLY A 47 -15.26 -10.21 -0.01
C GLY A 47 -14.72 -9.12 -0.94
N SER A 48 -14.76 -7.88 -0.49
CA SER A 48 -14.35 -6.77 -1.34
C SER A 48 -13.39 -5.84 -0.59
N ASN A 49 -12.59 -5.13 -1.37
CA ASN A 49 -11.74 -4.05 -0.87
C ASN A 49 -11.53 -2.98 -1.92
N PHE A 50 -11.80 -1.73 -1.53
CA PHE A 50 -11.60 -0.59 -2.41
C PHE A 50 -10.74 0.48 -1.71
N GLY A 51 -9.63 0.04 -1.18
CA GLY A 51 -8.64 0.98 -0.62
C GLY A 51 -9.27 1.82 0.45
N ASN A 52 -9.02 3.15 0.37
CA ASN A 52 -9.55 4.15 1.33
C ASN A 52 -11.07 4.43 1.22
N GLN A 53 -11.74 3.79 0.27
CA GLN A 53 -13.20 3.95 0.11
C GLN A 53 -14.05 3.07 1.04
N CYS A 54 -15.30 3.47 1.28
CA CYS A 54 -16.26 2.67 2.09
C CYS A 54 -16.01 2.87 3.58
N ASP A 55 -17.05 2.64 4.37
CA ASP A 55 -16.97 3.01 5.78
C ASP A 55 -16.53 1.86 6.68
N GLY A 56 -16.05 0.77 6.09
CA GLY A 56 -15.63 -0.39 6.89
C GLY A 56 -16.71 -1.43 7.25
N SER A 57 -17.98 -1.07 7.22
CA SER A 57 -19.06 -2.03 7.56
C SER A 57 -19.09 -3.16 6.56
N VAL A 58 -19.42 -4.36 7.07
CA VAL A 58 -19.54 -5.56 6.24
C VAL A 58 -20.88 -6.23 6.46
N TYR A 59 -21.43 -6.84 5.41
CA TYR A 59 -22.62 -7.65 5.60
C TYR A 59 -22.35 -8.86 6.51
N VAL A 60 -23.42 -9.43 7.05
CA VAL A 60 -23.35 -10.72 7.71
C VAL A 60 -24.29 -11.68 6.96
N THR A 61 -23.99 -12.99 7.01
CA THR A 61 -24.87 -14.01 6.40
C THR A 61 -26.15 -14.18 7.21
N ASN A 62 -27.17 -14.82 6.63
CA ASN A 62 -28.43 -15.14 7.30
C ASN A 62 -28.24 -15.79 8.69
N ASP A 63 -27.13 -16.51 8.87
CA ASP A 63 -26.85 -17.18 10.15
C ASP A 63 -25.90 -16.39 11.04
N GLY A 64 -25.68 -15.12 10.71
CA GLY A 64 -24.91 -14.23 11.56
C GLY A 64 -23.40 -14.30 11.38
N VAL A 65 -22.94 -14.88 10.28
CA VAL A 65 -21.48 -14.95 10.08
C VAL A 65 -20.98 -13.67 9.41
N VAL A 66 -19.99 -13.02 10.04
CA VAL A 66 -19.46 -11.79 9.53
C VAL A 66 -18.73 -12.05 8.22
N THR A 67 -19.02 -11.27 7.19
CA THR A 67 -18.32 -11.46 5.90
C THR A 67 -17.25 -10.41 5.70
N LYS A 68 -16.52 -10.52 4.58
CA LYS A 68 -15.61 -9.48 4.13
C LYS A 68 -16.20 -8.61 3.01
N LEU A 69 -17.51 -8.78 2.76
CA LEU A 69 -18.20 -7.98 1.72
C LEU A 69 -18.61 -6.62 2.30
N LEU A 70 -17.96 -5.54 1.82
CA LEU A 70 -18.26 -4.17 2.32
C LEU A 70 -19.68 -3.75 1.99
N SER A 71 -20.36 -3.22 3.00
CA SER A 71 -21.78 -2.82 2.88
C SER A 71 -21.97 -1.30 2.89
N GLY A 72 -20.91 -0.52 3.06
CA GLY A 72 -21.13 0.92 3.19
C GLY A 72 -20.30 1.71 2.18
N CYS A 73 -20.40 1.34 0.91
CA CYS A 73 -19.63 1.99 -0.14
C CYS A 73 -20.46 3.11 -0.77
N HIS A 74 -20.75 4.11 0.04
CA HIS A 74 -21.66 5.18 -0.35
C HIS A 74 -21.12 6.02 -1.51
N GLN A 75 -19.86 6.42 -1.45
CA GLN A 75 -19.25 7.22 -2.52
C GLN A 75 -19.21 6.48 -3.84
N ILE A 76 -18.86 5.18 -3.84
CA ILE A 76 -18.87 4.38 -5.07
C ILE A 76 -20.28 4.29 -5.64
N MET A 77 -21.22 4.01 -4.75
CA MET A 77 -22.63 3.95 -5.17
C MET A 77 -23.11 5.27 -5.82
N GLU A 78 -22.71 6.39 -5.24
CA GLU A 78 -23.07 7.71 -5.80
C GLU A 78 -22.37 7.95 -7.14
N ASP A 79 -21.14 7.43 -7.28
CA ASP A 79 -20.28 7.85 -8.36
C ASP A 79 -20.45 7.04 -9.64
N ILE A 80 -20.77 5.76 -9.52
CA ILE A 80 -20.89 4.91 -10.71
C ILE A 80 -21.86 5.49 -11.76
N PRO A 81 -23.06 5.97 -11.34
CA PRO A 81 -24.00 6.50 -12.35
C PRO A 81 -23.44 7.71 -13.10
N ILE A 82 -22.53 8.45 -12.44
CA ILE A 82 -21.86 9.58 -13.08
C ILE A 82 -20.97 9.10 -14.23
N CYS A 83 -20.18 8.05 -14.00
CA CYS A 83 -19.39 7.45 -15.07
C CYS A 83 -20.30 6.96 -16.21
N GLN A 84 -21.41 6.32 -15.88
CA GLN A 84 -22.29 5.78 -16.93
C GLN A 84 -23.00 6.88 -17.70
N ALA A 85 -23.40 7.94 -16.98
CA ALA A 85 -23.98 9.11 -17.63
C ALA A 85 -22.97 9.73 -18.59
N ALA A 86 -21.68 9.69 -18.24
CA ALA A 86 -20.63 10.22 -19.13
C ALA A 86 -20.27 9.23 -20.26
N GLY A 87 -20.90 8.06 -20.26
CA GLY A 87 -20.77 7.08 -21.34
C GLY A 87 -19.62 6.09 -21.16
N LYS A 88 -19.10 6.01 -19.93
CA LYS A 88 -18.02 5.09 -19.61
C LYS A 88 -18.59 3.73 -19.24
N LYS A 89 -17.81 2.68 -19.46
CA LYS A 89 -18.17 1.34 -18.98
C LYS A 89 -17.47 1.11 -17.64
N VAL A 90 -18.25 0.71 -16.64
CA VAL A 90 -17.67 0.46 -15.32
C VAL A 90 -17.75 -1.05 -15.01
N LEU A 91 -16.59 -1.70 -14.90
CA LEU A 91 -16.55 -3.15 -14.72
C LEU A 91 -16.08 -3.44 -13.32
N LEU A 92 -16.68 -4.46 -12.73
CA LEU A 92 -16.22 -4.85 -11.40
C LEU A 92 -15.14 -5.91 -11.54
N SER A 93 -13.98 -5.62 -10.95
CA SER A 93 -12.84 -6.52 -11.09
C SER A 93 -12.71 -7.49 -9.93
N ILE A 94 -12.37 -8.71 -10.32
CA ILE A 94 -12.23 -9.87 -9.44
C ILE A 94 -10.73 -10.26 -9.36
N GLY A 95 -10.23 -10.37 -8.13
CA GLY A 95 -8.88 -10.81 -7.89
C GLY A 95 -8.02 -9.67 -7.42
N GLY A 96 -7.04 -9.31 -8.26
CA GLY A 96 -6.06 -8.31 -7.86
C GLY A 96 -4.89 -8.93 -7.10
N ALA A 97 -3.91 -8.12 -6.72
CA ALA A 97 -2.69 -8.67 -6.12
C ALA A 97 -2.89 -9.29 -4.76
N TYR A 98 -3.77 -8.71 -3.95
CA TYR A 98 -3.85 -9.11 -2.53
C TYR A 98 -5.27 -9.50 -2.08
N PRO A 99 -5.43 -10.62 -1.33
CA PRO A 99 -4.40 -11.52 -0.78
C PRO A 99 -3.95 -12.54 -1.81
N PRO A 100 -2.82 -13.22 -1.54
CA PRO A 100 -2.31 -14.13 -2.55
C PRO A 100 -2.83 -15.58 -2.44
N ASP A 101 -3.80 -15.85 -1.57
CA ASP A 101 -4.22 -17.24 -1.34
C ASP A 101 -5.65 -17.57 -1.80
N GLN A 102 -6.19 -16.84 -2.77
CA GLN A 102 -7.58 -17.07 -3.18
C GLN A 102 -7.68 -17.84 -4.50
N SER A 103 -8.61 -18.78 -4.55
CA SER A 103 -8.85 -19.55 -5.77
C SER A 103 -10.27 -20.11 -5.78
N ILE A 104 -10.62 -20.78 -6.86
CA ILE A 104 -11.91 -21.45 -6.99
C ILE A 104 -11.68 -22.96 -6.93
N LEU A 105 -12.44 -23.68 -6.09
CA LEU A 105 -12.17 -25.10 -5.88
C LEU A 105 -13.01 -26.08 -6.69
N SER A 106 -14.14 -25.67 -7.24
CA SER A 106 -15.01 -26.62 -7.93
C SER A 106 -15.83 -25.93 -8.98
N GLU A 107 -16.31 -26.70 -9.96
CA GLU A 107 -17.30 -26.18 -10.93
C GLU A 107 -18.49 -25.55 -10.21
N ASP A 108 -19.01 -26.26 -9.20
CA ASP A 108 -20.15 -25.76 -8.43
C ASP A 108 -19.90 -24.38 -7.83
N SER A 109 -18.78 -24.20 -7.13
CA SER A 109 -18.52 -22.91 -6.51
C SER A 109 -18.16 -21.83 -7.54
N ALA A 110 -17.61 -22.22 -8.69
CA ALA A 110 -17.43 -21.28 -9.81
C ALA A 110 -18.79 -20.73 -10.30
N VAL A 111 -19.73 -21.64 -10.58
CA VAL A 111 -21.08 -21.22 -10.98
C VAL A 111 -21.71 -20.32 -9.90
N ALA A 112 -21.66 -20.76 -8.64
CA ALA A 112 -22.30 -20.02 -7.54
C ALA A 112 -21.66 -18.64 -7.32
N PHE A 113 -20.35 -18.55 -7.54
CA PHE A 113 -19.63 -17.28 -7.41
C PHE A 113 -20.19 -16.26 -8.43
N ALA A 114 -20.30 -16.68 -9.70
CA ALA A 114 -20.78 -15.79 -10.73
C ALA A 114 -22.26 -15.44 -10.45
N THR A 115 -23.04 -16.42 -9.99
CA THR A 115 -24.44 -16.21 -9.66
C THR A 115 -24.58 -15.14 -8.59
N PHE A 116 -23.75 -15.24 -7.54
CA PHE A 116 -23.78 -14.29 -6.45
C PHE A 116 -23.44 -12.88 -6.94
N LEU A 117 -22.34 -12.74 -7.70
CA LEU A 117 -21.95 -11.41 -8.18
C LEU A 117 -23.00 -10.82 -9.12
N TRP A 118 -23.67 -11.67 -9.90
CA TRP A 118 -24.70 -11.18 -10.83
C TRP A 118 -25.84 -10.61 -10.02
N GLY A 119 -26.20 -11.31 -8.94
CA GLY A 119 -27.31 -10.89 -8.09
C GLY A 119 -27.00 -9.66 -7.26
N ALA A 120 -25.78 -9.57 -6.73
CA ALA A 120 -25.34 -8.44 -5.92
C ALA A 120 -25.08 -7.14 -6.70
N PHE A 121 -24.52 -7.28 -7.92
CA PHE A 121 -23.99 -6.12 -8.67
C PHE A 121 -24.58 -5.93 -10.06
N GLY A 122 -25.29 -6.94 -10.56
CA GLY A 122 -25.98 -6.81 -11.80
C GLY A 122 -27.37 -6.19 -11.61
N PRO A 123 -28.27 -6.45 -12.56
CA PRO A 123 -29.63 -5.95 -12.52
C PRO A 123 -30.36 -6.29 -11.22
N VAL A 124 -31.16 -5.32 -10.75
CA VAL A 124 -32.04 -5.50 -9.61
C VAL A 124 -33.13 -6.52 -10.03
N ALA A 125 -33.44 -7.43 -9.14
CA ALA A 125 -34.40 -8.49 -9.39
C ALA A 125 -35.24 -8.73 -8.15
N GLU A 126 -36.54 -8.83 -8.36
CA GLU A 126 -37.46 -8.98 -7.27
C GLU A 126 -37.16 -10.21 -6.42
N GLY A 127 -36.73 -11.29 -7.04
CA GLY A 127 -36.45 -12.52 -6.32
C GLY A 127 -35.08 -12.63 -5.66
N TRP A 128 -34.31 -11.56 -5.73
CA TRP A 128 -33.04 -11.47 -5.03
C TRP A 128 -33.26 -10.92 -3.63
N GLU A 129 -32.84 -11.69 -2.64
CA GLU A 129 -33.01 -11.28 -1.25
C GLU A 129 -31.62 -11.16 -0.63
N GLY A 130 -30.61 -10.86 -1.44
CA GLY A 130 -29.25 -10.81 -0.93
C GLY A 130 -28.75 -9.37 -0.86
N PRO A 131 -27.44 -9.21 -0.64
CA PRO A 131 -26.86 -7.87 -0.54
C PRO A 131 -26.85 -7.14 -1.89
N ARG A 132 -26.94 -5.81 -1.82
CA ARG A 132 -26.81 -4.91 -2.96
C ARG A 132 -25.78 -3.87 -2.54
N PRO A 133 -24.50 -4.21 -2.70
CA PRO A 133 -23.47 -3.36 -2.07
C PRO A 133 -23.37 -1.97 -2.70
N PHE A 134 -23.80 -1.84 -3.97
CA PHE A 134 -23.88 -0.55 -4.65
C PHE A 134 -25.32 -0.14 -4.89
N GLY A 135 -26.26 -0.67 -4.08
CA GLY A 135 -27.65 -0.30 -4.18
C GLY A 135 -28.21 -0.67 -5.55
N ASP A 136 -29.01 0.21 -6.13
CA ASP A 136 -29.69 0.00 -7.44
C ASP A 136 -28.79 0.14 -8.68
N VAL A 137 -27.55 0.51 -8.44
CA VAL A 137 -26.51 0.59 -9.46
C VAL A 137 -26.33 -0.78 -10.09
N VAL A 138 -26.09 -0.79 -11.40
CA VAL A 138 -25.88 -2.01 -12.16
C VAL A 138 -24.56 -1.81 -12.90
N VAL A 139 -23.57 -2.68 -12.64
CA VAL A 139 -22.29 -2.54 -13.30
C VAL A 139 -22.40 -2.98 -14.77
N ASP A 140 -21.43 -2.59 -15.58
CA ASP A 140 -21.45 -2.93 -17.02
C ASP A 140 -20.81 -4.30 -17.37
N GLY A 141 -20.25 -4.96 -16.35
CA GLY A 141 -19.59 -6.25 -16.53
C GLY A 141 -18.54 -6.55 -15.48
N PHE A 142 -17.74 -7.58 -15.73
CA PHE A 142 -16.81 -8.11 -14.73
C PHE A 142 -15.45 -8.32 -15.37
N ASP A 143 -14.42 -7.96 -14.62
CA ASP A 143 -13.04 -8.08 -15.08
C ASP A 143 -12.35 -9.14 -14.23
N PHE A 144 -11.58 -10.00 -14.87
CA PHE A 144 -10.95 -11.12 -14.22
C PHE A 144 -9.46 -10.81 -14.13
N ASP A 145 -9.07 -10.22 -13.00
CA ASP A 145 -7.67 -9.90 -12.77
C ASP A 145 -7.08 -10.91 -11.78
N ILE A 146 -7.02 -12.14 -12.24
CA ILE A 146 -6.52 -13.23 -11.42
C ILE A 146 -5.01 -13.27 -11.53
N GLU A 147 -4.36 -13.16 -10.38
CA GLU A 147 -2.91 -13.07 -10.37
C GLU A 147 -2.19 -14.17 -9.59
N HIS A 148 -2.94 -15.06 -8.95
CA HIS A 148 -2.36 -16.14 -8.15
C HIS A 148 -3.12 -17.42 -8.27
N ASN A 149 -2.42 -18.55 -8.09
CA ASN A 149 -3.08 -19.85 -7.81
C ASN A 149 -3.72 -20.60 -8.96
N GLY A 150 -3.35 -20.27 -10.20
CA GLY A 150 -3.73 -21.13 -11.33
C GLY A 150 -5.06 -20.72 -11.96
N GLY A 151 -5.51 -21.48 -12.94
CA GLY A 151 -6.62 -21.04 -13.75
C GLY A 151 -7.92 -21.79 -13.62
N PHE A 152 -8.09 -22.56 -12.54
CA PHE A 152 -9.32 -23.35 -12.38
C PHE A 152 -10.57 -22.50 -12.15
N GLY A 153 -11.66 -22.81 -12.85
CA GLY A 153 -12.98 -22.23 -12.55
C GLY A 153 -13.38 -20.96 -13.28
N TYR A 154 -12.40 -20.18 -13.70
CA TYR A 154 -12.70 -18.91 -14.37
C TYR A 154 -13.45 -19.04 -15.68
N ALA A 155 -13.15 -20.04 -16.50
CA ALA A 155 -13.89 -20.21 -17.75
C ALA A 155 -15.36 -20.45 -17.40
N THR A 156 -15.60 -21.28 -16.38
CA THR A 156 -16.97 -21.56 -15.96
C THR A 156 -17.69 -20.27 -15.50
N MET A 157 -17.01 -19.43 -14.71
CA MET A 157 -17.63 -18.16 -14.24
C MET A 157 -17.99 -17.32 -15.43
N VAL A 158 -17.04 -17.22 -16.35
CA VAL A 158 -17.25 -16.45 -17.57
C VAL A 158 -18.40 -17.02 -18.39
N ASN A 159 -18.45 -18.32 -18.59
CA ASN A 159 -19.61 -18.89 -19.30
C ASN A 159 -20.94 -18.62 -18.57
N THR A 160 -20.93 -18.71 -17.23
CA THR A 160 -22.12 -18.43 -16.41
C THR A 160 -22.60 -16.97 -16.56
N PHE A 161 -21.66 -16.03 -16.43
CA PHE A 161 -21.95 -14.63 -16.67
C PHE A 161 -22.58 -14.42 -18.02
N ARG A 162 -21.94 -14.94 -19.05
CA ARG A 162 -22.45 -14.80 -20.41
C ARG A 162 -23.90 -15.32 -20.57
N GLN A 163 -24.24 -16.46 -19.95
CA GLN A 163 -25.61 -16.96 -20.02
CA GLN A 163 -25.61 -17.02 -19.94
C GLN A 163 -26.57 -16.00 -19.34
N TYR A 164 -26.14 -15.40 -18.22
CA TYR A 164 -26.91 -14.37 -17.52
C TYR A 164 -27.10 -13.10 -18.39
N PHE A 165 -26.01 -12.65 -19.02
CA PHE A 165 -26.08 -11.53 -19.97
C PHE A 165 -27.13 -11.79 -21.04
N ASN A 166 -27.15 -13.00 -21.57
CA ASN A 166 -28.07 -13.31 -22.70
C ASN A 166 -29.55 -13.31 -22.32
N GLN A 167 -29.84 -13.22 -21.02
CA GLN A 167 -31.22 -13.08 -20.54
C GLN A 167 -31.70 -11.62 -20.44
N VAL A 168 -30.81 -10.68 -20.72
CA VAL A 168 -31.09 -9.24 -20.68
C VAL A 168 -30.69 -8.68 -22.05
N PRO A 169 -31.47 -8.97 -23.10
CA PRO A 169 -31.00 -8.67 -24.46
C PRO A 169 -31.01 -7.16 -24.81
N GLU A 170 -31.76 -6.36 -24.07
CA GLU A 170 -31.84 -4.91 -24.29
C GLU A 170 -30.62 -4.12 -23.75
N ARG A 171 -29.72 -4.81 -23.06
CA ARG A 171 -28.52 -4.15 -22.52
C ARG A 171 -27.27 -4.99 -22.81
N LYS A 172 -26.20 -4.33 -23.22
CA LYS A 172 -24.94 -5.02 -23.44
C LYS A 172 -24.09 -4.99 -22.15
N PHE A 173 -23.56 -6.15 -21.76
CA PHE A 173 -22.58 -6.26 -20.66
C PHE A 173 -21.27 -6.85 -21.17
N TYR A 174 -20.20 -6.72 -20.39
CA TYR A 174 -18.85 -7.02 -20.87
C TYR A 174 -18.07 -7.91 -19.93
N LEU A 175 -17.18 -8.71 -20.52
CA LEU A 175 -16.27 -9.49 -19.71
C LEU A 175 -14.83 -9.25 -20.13
N SER A 176 -13.94 -9.06 -19.18
CA SER A 176 -12.54 -8.86 -19.52
C SER A 176 -11.57 -9.69 -18.69
N ALA A 177 -10.32 -9.77 -19.15
CA ALA A 177 -9.26 -10.51 -18.48
C ALA A 177 -7.96 -9.72 -18.45
N ALA A 178 -7.18 -9.89 -17.38
CA ALA A 178 -5.89 -9.20 -17.30
C ALA A 178 -4.70 -10.17 -17.14
N PRO A 179 -4.38 -10.97 -18.18
CA PRO A 179 -3.22 -11.89 -18.08
C PRO A 179 -1.91 -11.10 -18.00
N GLN A 180 -0.84 -11.72 -17.53
CA GLN A 180 0.50 -11.15 -17.67
C GLN A 180 1.06 -11.60 -19.03
N CYS A 181 2.27 -11.17 -19.38
CA CYS A 181 2.69 -11.27 -20.79
C CYS A 181 3.17 -12.65 -21.24
N ILE A 182 3.75 -13.44 -20.33
CA ILE A 182 4.20 -14.82 -20.67
C ILE A 182 3.02 -15.71 -21.10
N ILE A 183 3.19 -16.40 -22.23
CA ILE A 183 2.23 -17.41 -22.71
C ILE A 183 2.88 -18.80 -22.49
N PRO A 184 2.15 -19.76 -21.87
CA PRO A 184 0.77 -19.66 -21.37
C PRO A 184 0.75 -18.84 -20.09
N ASP A 185 -0.37 -18.18 -19.79
CA ASP A 185 -0.47 -17.47 -18.53
C ASP A 185 -1.09 -18.42 -17.49
N ALA A 186 -0.43 -18.56 -16.35
CA ALA A 186 -0.81 -19.57 -15.33
C ALA A 186 -2.26 -19.41 -14.88
N GLN A 187 -2.74 -18.17 -14.84
CA GLN A 187 -4.06 -17.90 -14.27
C GLN A 187 -5.20 -17.86 -15.29
N LEU A 188 -4.90 -17.42 -16.52
CA LEU A 188 -5.96 -17.00 -17.44
C LEU A 188 -5.90 -17.57 -18.86
N SER A 189 -4.85 -18.31 -19.20
CA SER A 189 -4.81 -18.91 -20.56
C SER A 189 -5.94 -19.93 -20.73
N ASP A 190 -6.28 -20.65 -19.66
CA ASP A 190 -7.39 -21.61 -19.67
C ASP A 190 -8.73 -20.87 -19.91
N ALA A 191 -9.01 -19.85 -19.09
CA ALA A 191 -10.22 -19.05 -19.29
C ALA A 191 -10.29 -18.46 -20.71
N ILE A 192 -9.17 -17.93 -21.22
CA ILE A 192 -9.13 -17.31 -22.55
C ILE A 192 -9.37 -18.33 -23.66
N PHE A 193 -8.81 -19.52 -23.48
CA PHE A 193 -8.98 -20.59 -24.44
C PHE A 193 -10.41 -21.14 -24.49
N ASN A 194 -11.00 -21.27 -23.31
CA ASN A 194 -12.30 -21.94 -23.12
C ASN A 194 -13.52 -21.03 -23.02
N ALA A 195 -13.31 -19.74 -22.72
CA ALA A 195 -14.43 -18.80 -22.63
C ALA A 195 -14.16 -17.53 -23.46
N ALA A 196 -15.20 -16.77 -23.76
CA ALA A 196 -15.11 -15.61 -24.64
C ALA A 196 -15.10 -14.30 -23.84
N PHE A 197 -13.96 -13.61 -23.85
CA PHE A 197 -13.88 -12.28 -23.28
C PHE A 197 -14.09 -11.26 -24.39
N ASP A 198 -14.63 -10.09 -24.02
CA ASP A 198 -14.71 -8.93 -24.88
C ASP A 198 -13.39 -8.19 -24.98
N PHE A 199 -12.71 -8.05 -23.85
CA PHE A 199 -11.46 -7.30 -23.78
C PHE A 199 -10.44 -8.12 -23.04
N ILE A 200 -9.20 -8.09 -23.52
CA ILE A 200 -8.10 -8.67 -22.80
C ILE A 200 -7.00 -7.64 -22.75
N TRP A 201 -6.68 -7.21 -21.53
CA TRP A 201 -5.58 -6.29 -21.34
C TRP A 201 -4.40 -7.07 -20.78
N ILE A 202 -3.36 -7.15 -21.58
CA ILE A 202 -2.14 -7.84 -21.20
C ILE A 202 -1.32 -6.89 -20.35
N GLN A 203 -1.02 -7.28 -19.13
CA GLN A 203 -0.17 -6.48 -18.28
C GLN A 203 1.25 -6.55 -18.83
N TYR A 204 1.73 -5.48 -19.47
CA TYR A 204 3.07 -5.48 -20.05
C TYR A 204 4.13 -4.84 -19.17
N TYR A 205 4.01 -5.05 -17.86
CA TYR A 205 4.98 -4.60 -16.86
C TYR A 205 5.21 -5.76 -15.87
N ASN A 206 6.33 -5.70 -15.16
CA ASN A 206 6.74 -6.68 -14.14
C ASN A 206 7.30 -8.05 -14.60
N THR A 207 7.31 -8.32 -15.91
CA THR A 207 7.99 -9.51 -16.41
C THR A 207 8.98 -9.11 -17.49
N ALA A 208 10.26 -9.33 -17.22
CA ALA A 208 11.33 -8.90 -18.12
C ALA A 208 11.23 -9.53 -19.50
N ALA A 209 10.77 -10.78 -19.57
CA ALA A 209 10.86 -11.55 -20.80
C ALA A 209 10.09 -10.94 -21.97
N CYS A 210 8.97 -10.28 -21.68
CA CYS A 210 8.06 -9.84 -22.75
C CYS A 210 7.43 -8.45 -22.53
N SER A 211 8.05 -7.61 -21.70
CA SER A 211 7.49 -6.31 -21.30
C SER A 211 7.38 -5.31 -22.44
N ALA A 212 6.51 -4.31 -22.28
CA ALA A 212 6.48 -3.18 -23.22
C ALA A 212 7.84 -2.47 -23.28
N LYS A 213 8.53 -2.33 -22.15
CA LYS A 213 9.89 -1.71 -22.17
C LYS A 213 10.86 -2.40 -23.13
N SER A 214 10.74 -3.72 -23.26
CA SER A 214 11.59 -4.52 -24.17
C SER A 214 11.35 -4.20 -25.65
N PHE A 215 10.23 -3.57 -25.95
CA PHE A 215 10.01 -3.01 -27.29
C PHE A 215 10.93 -1.80 -27.52
N ILE A 216 11.15 -1.04 -26.45
CA ILE A 216 12.01 0.11 -26.52
C ILE A 216 13.48 -0.32 -26.44
N ASP A 217 13.80 -1.16 -25.46
CA ASP A 217 15.17 -1.69 -25.31
C ASP A 217 15.17 -3.21 -25.57
N THR A 218 15.42 -3.63 -26.82
CA THR A 218 15.26 -5.05 -27.21
C THR A 218 16.24 -6.04 -26.57
N SER A 219 17.23 -5.52 -25.85
CA SER A 219 18.16 -6.37 -25.11
C SER A 219 17.53 -6.92 -23.82
N LEU A 220 16.41 -6.34 -23.38
CA LEU A 220 15.75 -6.74 -22.13
C LEU A 220 14.88 -8.00 -22.26
N GLY A 221 14.35 -8.24 -23.45
CA GLY A 221 13.38 -9.30 -23.64
C GLY A 221 12.84 -9.09 -25.04
N THR A 222 11.71 -9.73 -25.33
CA THR A 222 11.04 -9.67 -26.65
C THR A 222 9.53 -9.43 -26.45
N PHE A 223 9.09 -8.22 -26.81
CA PHE A 223 7.70 -7.85 -26.67
C PHE A 223 6.87 -8.75 -27.58
N ASN A 224 5.83 -9.36 -27.01
CA ASN A 224 5.19 -10.49 -27.68
C ASN A 224 3.74 -10.27 -28.03
N PHE A 225 3.36 -9.03 -28.27
CA PHE A 225 2.01 -8.74 -28.67
C PHE A 225 1.65 -9.60 -29.91
N ASP A 226 2.59 -9.84 -30.83
CA ASP A 226 2.34 -10.74 -31.99
C ASP A 226 1.86 -12.13 -31.55
N ALA A 227 2.49 -12.64 -30.49
CA ALA A 227 2.20 -13.99 -29.98
C ALA A 227 0.79 -14.00 -29.40
N TRP A 228 0.44 -12.94 -28.68
CA TRP A 228 -0.92 -12.84 -28.12
C TRP A 228 -2.01 -12.78 -29.19
N VAL A 229 -1.74 -12.08 -30.30
CA VAL A 229 -2.73 -12.10 -31.40
C VAL A 229 -2.92 -13.51 -31.88
N THR A 230 -1.80 -14.18 -32.11
CA THR A 230 -1.81 -15.56 -32.60
C THR A 230 -2.58 -16.53 -31.68
N VAL A 231 -2.31 -16.43 -30.39
CA VAL A 231 -2.89 -17.33 -29.41
C VAL A 231 -4.43 -17.18 -29.31
N LEU A 232 -4.97 -16.05 -29.68
CA LEU A 232 -6.40 -15.89 -29.80
C LEU A 232 -7.07 -16.77 -30.83
N LYS A 233 -6.42 -16.95 -31.97
CA LYS A 233 -7.00 -17.57 -33.13
C LYS A 233 -7.57 -18.85 -32.71
N ALA A 234 -6.77 -19.52 -31.93
CA ALA A 234 -7.05 -20.77 -31.33
C ALA A 234 -8.23 -20.81 -30.34
N SER A 235 -8.59 -19.67 -29.78
CA SER A 235 -9.40 -19.64 -28.58
C SER A 235 -10.89 -19.31 -28.70
N ALA A 236 -11.64 -19.57 -27.65
CA ALA A 236 -13.00 -19.11 -27.49
C ALA A 236 -13.04 -17.57 -27.51
N SER A 237 -11.94 -16.94 -27.14
CA SER A 237 -11.80 -15.47 -27.17
C SER A 237 -11.28 -14.93 -28.52
N LYS A 238 -11.49 -15.66 -29.62
CA LYS A 238 -10.96 -15.23 -30.91
C LYS A 238 -11.33 -13.82 -31.31
N ASP A 239 -12.47 -13.31 -30.84
CA ASP A 239 -12.97 -11.99 -31.23
C ASP A 239 -12.68 -10.88 -30.21
N ALA A 240 -11.96 -11.23 -29.16
CA ALA A 240 -11.53 -10.27 -28.17
C ALA A 240 -10.59 -9.24 -28.80
N LYS A 241 -10.69 -8.02 -28.30
CA LYS A 241 -9.74 -6.98 -28.57
C LYS A 241 -8.66 -6.96 -27.49
N LEU A 242 -7.43 -6.75 -27.93
CA LEU A 242 -6.28 -6.83 -27.06
C LEU A 242 -5.71 -5.47 -26.78
N TYR A 243 -5.48 -5.21 -25.50
CA TYR A 243 -5.02 -3.94 -25.04
C TYR A 243 -3.63 -4.08 -24.49
N VAL A 244 -2.82 -3.02 -24.63
CA VAL A 244 -1.49 -2.98 -24.02
C VAL A 244 -1.60 -2.37 -22.62
N GLY A 245 -1.33 -3.14 -21.58
CA GLY A 245 -1.50 -2.61 -20.21
C GLY A 245 -0.16 -2.06 -19.75
N LEU A 246 -0.16 -0.83 -19.25
CA LEU A 246 1.06 -0.10 -18.91
C LEU A 246 0.96 0.50 -17.52
N PRO A 247 2.10 0.66 -16.81
CA PRO A 247 2.07 1.46 -15.56
C PRO A 247 1.82 2.93 -15.90
N ALA A 248 1.06 3.64 -15.06
CA ALA A 248 0.74 5.04 -15.35
C ALA A 248 1.74 6.01 -14.75
N SER A 249 2.67 5.50 -13.93
CA SER A 249 3.77 6.32 -13.43
C SER A 249 5.03 5.47 -13.21
N GLU A 250 6.13 6.15 -12.88
CA GLU A 250 7.41 5.50 -12.57
C GLU A 250 7.39 4.55 -11.38
N THR A 251 6.41 4.64 -10.50
CA THR A 251 6.44 3.84 -9.29
C THR A 251 5.23 2.91 -9.13
N ALA A 252 4.32 2.94 -10.10
CA ALA A 252 3.11 2.11 -10.06
C ALA A 252 3.45 0.63 -10.21
N ALA A 253 4.60 0.35 -10.82
CA ALA A 253 5.02 -1.01 -11.05
C ALA A 253 6.50 -1.18 -10.65
N ASN A 254 7.05 -2.38 -10.86
CA ASN A 254 8.46 -2.58 -10.58
C ASN A 254 9.29 -1.65 -11.45
N GLN A 255 10.46 -1.32 -10.96
CA GLN A 255 11.29 -0.38 -11.67
C GLN A 255 11.64 -0.87 -13.08
N GLY A 256 11.72 0.09 -14.00
CA GLY A 256 12.14 -0.21 -15.34
C GLY A 256 11.01 -0.58 -16.31
N TYR A 257 9.75 -0.47 -15.90
CA TYR A 257 8.65 -0.85 -16.82
C TYR A 257 7.80 0.30 -17.34
N TYR A 258 7.96 1.48 -16.72
CA TYR A 258 7.25 2.68 -17.17
C TYR A 258 7.79 3.21 -18.50
N LEU A 259 6.90 3.51 -19.43
CA LEU A 259 7.26 4.16 -20.70
C LEU A 259 6.86 5.65 -20.73
N THR A 260 7.73 6.51 -21.25
CA THR A 260 7.35 7.88 -21.56
C THR A 260 6.24 7.88 -22.63
N PRO A 261 5.43 8.96 -22.71
CA PRO A 261 4.45 9.06 -23.80
C PRO A 261 5.07 8.88 -25.21
N ASP A 262 6.27 9.40 -25.45
CA ASP A 262 6.92 9.24 -26.79
C ASP A 262 7.24 7.75 -27.08
N GLU A 263 7.68 7.04 -26.05
CA GLU A 263 7.89 5.59 -26.12
C GLU A 263 6.59 4.82 -26.39
N VAL A 264 5.51 5.24 -25.78
CA VAL A 264 4.21 4.63 -26.00
C VAL A 264 3.76 4.88 -27.41
N GLU A 265 3.93 6.10 -27.84
CA GLU A 265 3.58 6.48 -29.18
C GLU A 265 4.27 5.57 -30.19
N SER A 266 5.55 5.34 -30.02
CA SER A 266 6.27 4.48 -30.93
C SER A 266 5.71 3.07 -30.95
N LEU A 267 5.43 2.54 -29.77
CA LEU A 267 4.86 1.21 -29.62
C LEU A 267 3.47 1.12 -30.26
N VAL A 268 2.60 2.05 -29.88
CA VAL A 268 1.22 2.05 -30.34
C VAL A 268 1.13 2.26 -31.85
N SER A 269 1.99 3.11 -32.40
CA SER A 269 2.04 3.33 -33.86
C SER A 269 2.23 2.04 -34.63
N THR A 270 3.23 1.27 -34.20
CA THR A 270 3.57 0.00 -34.84
C THR A 270 2.43 -1.00 -34.73
N TYR A 271 1.94 -1.20 -33.51
CA TYR A 271 0.96 -2.27 -33.22
C TYR A 271 -0.47 -1.98 -33.64
N MET A 272 -0.89 -0.73 -33.50
CA MET A 272 -2.21 -0.34 -34.00
C MET A 272 -2.21 -0.42 -35.54
N ASP A 273 -1.12 -0.01 -36.17
CA ASP A 273 -1.00 -0.18 -37.63
C ASP A 273 -1.02 -1.63 -38.07
N ARG A 274 -0.29 -2.48 -37.35
CA ARG A 274 -0.15 -3.89 -37.74
C ARG A 274 -1.44 -4.70 -37.50
N TYR A 275 -2.14 -4.40 -36.42
CA TYR A 275 -3.36 -5.13 -36.06
C TYR A 275 -4.59 -4.21 -35.91
N PRO A 276 -5.03 -3.63 -37.05
CA PRO A 276 -6.12 -2.66 -36.88
C PRO A 276 -7.45 -3.29 -36.35
N ASP A 277 -7.68 -4.58 -36.59
CA ASP A 277 -8.94 -5.19 -36.10
C ASP A 277 -8.84 -5.73 -34.67
N THR A 278 -7.63 -6.08 -34.24
CA THR A 278 -7.46 -6.74 -32.95
C THR A 278 -6.96 -5.81 -31.84
N PHE A 279 -6.11 -4.86 -32.20
CA PHE A 279 -5.61 -3.91 -31.20
C PHE A 279 -6.80 -3.10 -30.64
N GLY A 280 -7.01 -3.15 -29.33
CA GLY A 280 -8.18 -2.50 -28.73
C GLY A 280 -7.84 -1.17 -28.09
N GLY A 281 -6.58 -0.96 -27.72
CA GLY A 281 -6.17 0.27 -27.09
C GLY A 281 -5.22 0.01 -25.92
N ILE A 282 -5.28 0.86 -24.91
CA ILE A 282 -4.31 0.85 -23.80
C ILE A 282 -5.07 0.63 -22.50
N MET A 283 -4.44 -0.09 -21.56
CA MET A 283 -4.93 -0.17 -20.18
C MET A 283 -3.87 0.36 -19.25
N LEU A 284 -4.30 1.02 -18.19
CA LEU A 284 -3.38 1.64 -17.26
C LEU A 284 -3.59 1.17 -15.85
N TRP A 285 -2.45 0.88 -15.21
CA TRP A 285 -2.39 0.62 -13.80
C TRP A 285 -1.62 1.82 -13.22
N GLU A 286 -2.28 2.76 -12.56
CA GLU A 286 -3.73 2.78 -12.23
C GLU A 286 -4.14 4.25 -12.03
N ALA A 287 -5.38 4.50 -11.63
CA ALA A 287 -5.93 5.85 -11.68
C ALA A 287 -5.15 6.90 -10.92
N THR A 288 -4.80 6.62 -9.67
CA THR A 288 -4.05 7.57 -8.87
C THR A 288 -2.64 7.83 -9.41
N ALA A 289 -1.97 6.78 -9.90
CA ALA A 289 -0.64 6.94 -10.47
C ALA A 289 -0.74 7.82 -11.73
N SER A 290 -1.79 7.64 -12.53
CA SER A 290 -2.02 8.54 -13.68
C SER A 290 -2.23 10.00 -13.22
N GLU A 291 -3.16 10.20 -12.29
CA GLU A 291 -3.47 11.52 -11.75
C GLU A 291 -2.24 12.21 -11.17
N ASN A 292 -1.39 11.45 -10.49
CA ASN A 292 -0.23 12.05 -9.85
C ASN A 292 0.93 12.25 -10.84
N ASN A 293 0.79 11.76 -12.06
CA ASN A 293 1.84 11.86 -13.08
C ASN A 293 1.40 12.85 -14.16
N GLN A 294 1.50 14.13 -13.79
CA GLN A 294 1.11 15.26 -14.62
C GLN A 294 2.28 15.60 -15.51
N ILE A 295 2.03 15.60 -16.82
CA ILE A 295 3.03 15.95 -17.80
C ILE A 295 2.42 17.12 -18.58
N ASP A 296 3.09 18.27 -18.57
CA ASP A 296 2.58 19.48 -19.24
C ASP A 296 1.15 19.80 -18.80
N GLY A 297 0.88 19.65 -17.50
CA GLY A 297 -0.41 20.00 -16.93
C GLY A 297 -1.57 19.03 -17.17
N ALA A 298 -1.28 17.82 -17.64
CA ALA A 298 -2.29 16.79 -17.89
C ALA A 298 -1.84 15.42 -17.36
N PRO A 299 -2.76 14.70 -16.67
CA PRO A 299 -2.47 13.34 -16.20
C PRO A 299 -2.01 12.39 -17.32
N TYR A 300 -1.26 11.34 -16.95
CA TYR A 300 -0.76 10.37 -17.95
C TYR A 300 -1.87 9.84 -18.88
N ALA A 301 -3.03 9.52 -18.31
CA ALA A 301 -4.14 8.97 -19.10
C ALA A 301 -4.51 9.85 -20.29
N ASP A 302 -4.53 11.19 -20.09
CA ASP A 302 -4.88 12.07 -21.20
C ASP A 302 -3.86 11.96 -22.34
N HIS A 303 -2.57 11.87 -22.02
CA HIS A 303 -1.57 11.69 -23.08
C HIS A 303 -1.78 10.35 -23.81
N MET A 304 -2.21 9.32 -23.09
CA MET A 304 -2.44 8.00 -23.70
C MET A 304 -3.56 8.08 -24.74
N LYS A 305 -4.67 8.71 -24.36
CA LYS A 305 -5.78 8.92 -25.29
C LYS A 305 -5.36 9.74 -26.53
N ASP A 306 -4.58 10.81 -26.30
CA ASP A 306 -4.03 11.63 -27.40
C ASP A 306 -3.29 10.73 -28.38
N ILE A 307 -2.48 9.82 -27.85
CA ILE A 307 -1.73 8.86 -28.71
C ILE A 307 -2.69 7.96 -29.50
N LEU A 308 -3.73 7.47 -28.83
CA LEU A 308 -4.67 6.59 -29.50
C LEU A 308 -5.49 7.26 -30.60
N LEU A 309 -5.73 8.55 -30.45
CA LEU A 309 -6.55 9.28 -31.40
C LEU A 309 -5.73 9.95 -32.48
N HIS A 310 -4.41 9.95 -32.28
CA HIS A 310 -3.46 10.59 -33.20
C HIS A 310 -3.44 9.87 -34.55
N PHE B 1 -1.78 -8.56 24.53
CA PHE B 1 -1.97 -8.45 23.03
C PHE B 1 -1.53 -7.08 22.51
N SER B 2 -1.48 -6.06 23.37
CA SER B 2 -0.97 -4.77 22.90
C SER B 2 0.59 -4.75 22.89
N ASN B 3 1.18 -3.90 22.07
CA ASN B 3 2.58 -4.02 21.70
C ASN B 3 3.49 -2.99 22.40
N LEU B 4 4.77 -3.35 22.52
CA LEU B 4 5.76 -2.44 23.08
C LEU B 4 6.77 -2.13 21.99
N ALA B 5 6.86 -0.86 21.60
CA ALA B 5 7.85 -0.40 20.60
C ALA B 5 8.99 0.34 21.31
N ILE B 6 10.18 0.33 20.71
CA ILE B 6 11.32 1.04 21.32
C ILE B 6 12.24 1.54 20.22
N TYR B 7 12.89 2.67 20.47
CA TYR B 7 13.89 3.21 19.54
C TYR B 7 15.26 2.72 19.97
N TRP B 8 16.07 2.40 18.97
CA TRP B 8 17.47 2.02 19.24
C TRP B 8 18.31 2.66 18.12
N GLY B 9 19.59 2.89 18.39
CA GLY B 9 20.46 3.45 17.36
C GLY B 9 21.20 4.69 17.79
N GLN B 10 20.59 5.44 18.72
CA GLN B 10 21.12 6.71 19.17
C GLN B 10 21.56 6.69 20.64
N GLY B 11 21.62 5.52 21.25
CA GLY B 11 22.04 5.41 22.65
C GLY B 11 23.55 5.56 22.81
N PRO B 12 24.01 6.45 23.70
CA PRO B 12 25.47 6.56 23.93
C PRO B 12 26.00 5.23 24.41
N ASN B 13 27.06 4.72 23.79
CA ASN B 13 27.62 3.44 24.20
C ASN B 13 26.61 2.28 24.18
N GLN B 14 25.61 2.37 23.31
CA GLN B 14 24.54 1.39 23.29
C GLN B 14 25.09 -0.01 23.04
N LEU B 15 24.52 -1.00 23.74
CA LEU B 15 24.73 -2.39 23.37
C LEU B 15 24.23 -2.59 21.95
N ARG B 16 24.79 -3.57 21.26
CA ARG B 16 24.42 -3.85 19.87
C ARG B 16 22.97 -4.36 19.80
N LEU B 17 22.37 -4.29 18.61
CA LEU B 17 20.97 -4.65 18.47
C LEU B 17 20.61 -6.04 18.99
N SER B 18 21.46 -7.05 18.75
CA SER B 18 21.18 -8.42 19.13
C SER B 18 20.83 -8.50 20.62
N HIS B 19 21.45 -7.66 21.45
CA HIS B 19 21.08 -7.63 22.86
C HIS B 19 19.55 -7.40 23.03
N PHE B 20 19.02 -6.43 22.29
CA PHE B 20 17.60 -6.13 22.34
C PHE B 20 16.71 -7.11 21.60
N CYS B 21 17.26 -7.82 20.60
CA CYS B 21 16.53 -8.91 19.92
C CYS B 21 16.26 -10.05 20.88
N GLN B 22 17.06 -10.12 21.94
CA GLN B 22 16.91 -11.13 22.98
C GLN B 22 16.03 -10.66 24.14
N GLU B 23 15.57 -9.40 24.11
CA GLU B 23 14.65 -8.92 25.13
C GLU B 23 13.22 -9.31 24.77
N THR B 24 12.70 -10.33 25.48
CA THR B 24 11.40 -10.95 25.20
C THR B 24 10.25 -9.93 25.09
N SER B 25 10.27 -8.94 25.99
CA SER B 25 9.22 -7.91 26.03
C SER B 25 9.06 -7.03 24.81
N LEU B 26 10.12 -6.83 24.03
CA LEU B 26 10.01 -5.90 22.87
C LEU B 26 9.27 -6.52 21.68
N ASP B 27 8.36 -5.77 21.07
CA ASP B 27 7.64 -6.24 19.87
C ASP B 27 8.08 -5.57 18.60
N ILE B 28 8.47 -4.29 18.70
CA ILE B 28 8.81 -3.48 17.52
C ILE B 28 10.04 -2.67 17.86
N ILE B 29 11.05 -2.70 17.00
CA ILE B 29 12.24 -1.86 17.21
C ILE B 29 12.42 -0.90 16.06
N ASN B 30 12.46 0.39 16.39
CA ASN B 30 12.69 1.44 15.42
C ASN B 30 14.15 1.86 15.44
N ILE B 31 14.81 1.67 14.31
CA ILE B 31 16.22 1.91 14.23
C ILE B 31 16.45 3.31 13.70
N GLY B 32 17.08 4.16 14.52
CA GLY B 32 17.24 5.57 14.16
C GLY B 32 18.69 5.97 13.98
N PHE B 33 19.02 6.74 12.92
CA PHE B 33 18.05 7.35 11.96
C PHE B 33 18.69 7.54 10.58
N ILE B 34 17.86 7.53 9.56
CA ILE B 34 18.18 8.21 8.32
C ILE B 34 17.88 9.68 8.59
N ASN B 35 18.92 10.45 8.96
CA ASN B 35 18.71 11.80 9.45
C ASN B 35 19.03 12.93 8.48
N TYR B 36 19.69 12.60 7.35
CA TYR B 36 19.99 13.59 6.33
C TYR B 36 19.14 13.30 5.12
N PHE B 37 18.49 14.32 4.58
CA PHE B 37 17.51 14.11 3.51
C PHE B 37 18.17 14.47 2.15
N PRO B 38 17.71 13.88 1.04
CA PRO B 38 18.36 14.08 -0.28
C PRO B 38 18.47 15.53 -0.78
N ASP B 39 17.50 16.39 -0.49
CA ASP B 39 17.52 17.78 -0.98
C ASP B 39 18.64 18.64 -0.44
N MET B 40 19.12 18.35 0.76
CA MET B 40 20.20 19.16 1.32
C MET B 40 21.50 18.38 1.62
N SER B 41 21.61 17.17 1.08
CA SER B 41 22.73 16.28 1.34
C SER B 41 23.60 16.00 0.09
N PRO B 42 24.90 15.70 0.30
CA PRO B 42 25.79 15.48 -0.85
C PRO B 42 25.34 14.33 -1.73
N GLY B 43 25.27 14.60 -3.03
CA GLY B 43 24.90 13.64 -4.04
C GLY B 43 23.43 13.44 -4.19
N HIS B 44 22.66 14.14 -3.36
CA HIS B 44 21.22 13.90 -3.23
C HIS B 44 20.92 12.48 -2.83
N TRP B 45 21.81 11.90 -2.03
CA TRP B 45 21.54 10.63 -1.35
C TRP B 45 21.23 10.96 0.10
N PRO B 46 20.30 10.22 0.73
CA PRO B 46 20.10 10.47 2.16
C PRO B 46 21.33 10.08 2.95
N GLY B 47 21.37 10.47 4.23
CA GLY B 47 22.50 10.14 5.08
C GLY B 47 22.01 9.49 6.35
N SER B 48 22.87 8.72 7.00
CA SER B 48 22.47 7.95 8.18
C SER B 48 23.38 8.24 9.35
N ASN B 49 22.90 7.83 10.53
CA ASN B 49 23.65 7.92 11.77
C ASN B 49 23.07 6.86 12.69
N PHE B 50 23.92 5.91 13.10
CA PHE B 50 23.49 4.88 14.03
C PHE B 50 24.48 4.82 15.19
N GLY B 51 24.89 6.01 15.63
CA GLY B 51 25.76 6.12 16.80
C GLY B 51 26.96 5.20 16.66
N ASN B 52 27.22 4.43 17.68
CA ASN B 52 28.42 3.58 17.76
C ASN B 52 28.40 2.27 16.99
N GLN B 53 27.44 2.12 16.11
CA GLN B 53 27.23 0.88 15.41
C GLN B 53 27.72 0.86 13.96
N CYS B 54 28.33 1.93 13.49
CA CYS B 54 29.00 1.92 12.20
C CYS B 54 30.44 2.43 12.29
N ASP B 55 31.24 2.23 11.26
CA ASP B 55 32.64 2.61 11.39
C ASP B 55 32.98 4.01 10.85
N GLY B 56 31.98 4.75 10.36
CA GLY B 56 32.20 6.09 9.86
C GLY B 56 32.49 6.15 8.37
N SER B 57 32.76 5.00 7.76
CA SER B 57 32.97 4.95 6.31
C SER B 57 31.64 5.25 5.63
N VAL B 58 31.67 5.89 4.45
CA VAL B 58 30.44 6.32 3.74
C VAL B 58 30.50 5.99 2.26
N TYR B 59 29.34 5.85 1.64
CA TYR B 59 29.21 5.57 0.25
C TYR B 59 29.63 6.75 -0.59
N VAL B 60 30.17 6.46 -1.75
CA VAL B 60 30.45 7.46 -2.71
C VAL B 60 29.59 7.25 -3.96
N THR B 61 28.96 8.29 -4.47
CA THR B 61 28.15 8.15 -5.67
C THR B 61 28.92 7.71 -6.89
N ASN B 62 28.19 7.21 -7.87
CA ASN B 62 28.83 6.91 -9.16
C ASN B 62 29.55 8.07 -9.81
N ASP B 63 29.10 9.29 -9.56
CA ASP B 63 29.80 10.47 -10.05
C ASP B 63 30.93 10.91 -9.14
N GLY B 64 31.27 10.10 -8.14
CA GLY B 64 32.42 10.40 -7.30
C GLY B 64 32.13 11.33 -6.13
N VAL B 65 30.86 11.51 -5.82
CA VAL B 65 30.52 12.43 -4.75
C VAL B 65 30.40 11.72 -3.39
N VAL B 66 31.15 12.21 -2.41
CA VAL B 66 31.10 11.64 -1.06
C VAL B 66 29.74 11.93 -0.44
N THR B 67 29.05 10.90 0.04
CA THR B 67 27.72 11.07 0.67
C THR B 67 27.78 11.00 2.19
N LYS B 68 26.62 11.08 2.84
CA LYS B 68 26.53 10.92 4.31
C LYS B 68 25.94 9.58 4.70
N LEU B 69 25.75 8.72 3.70
CA LEU B 69 25.18 7.39 3.97
C LEU B 69 26.26 6.38 4.40
N LEU B 70 26.18 5.92 5.64
CA LEU B 70 27.18 5.01 6.22
C LEU B 70 27.19 3.67 5.52
N SER B 71 28.39 3.19 5.19
CA SER B 71 28.60 1.93 4.44
C SER B 71 29.15 0.81 5.31
N GLY B 72 29.51 1.09 6.55
CA GLY B 72 30.13 0.05 7.37
C GLY B 72 29.35 -0.21 8.63
N CYS B 73 28.16 -0.79 8.48
CA CYS B 73 27.25 -1.04 9.63
C CYS B 73 27.04 -2.54 9.88
N HIS B 74 28.11 -3.30 9.77
CA HIS B 74 27.99 -4.73 9.78
C HIS B 74 27.24 -5.29 10.99
N GLN B 75 27.48 -4.80 12.18
CA GLN B 75 26.76 -5.29 13.33
C GLN B 75 25.20 -5.21 13.24
N ILE B 76 24.69 -4.14 12.65
CA ILE B 76 23.29 -3.98 12.41
C ILE B 76 22.82 -5.04 11.43
N MET B 77 23.54 -5.20 10.34
CA MET B 77 23.21 -6.23 9.36
C MET B 77 23.18 -7.63 10.00
N GLU B 78 24.13 -7.89 10.89
CA GLU B 78 24.16 -9.20 11.57
C GLU B 78 23.00 -9.42 12.53
N ASP B 79 22.45 -8.33 13.09
CA ASP B 79 21.53 -8.47 14.24
C ASP B 79 20.05 -8.38 13.87
N ILE B 80 19.72 -7.64 12.82
CA ILE B 80 18.31 -7.49 12.45
C ILE B 80 17.58 -8.85 12.27
N PRO B 81 18.17 -9.81 11.52
CA PRO B 81 17.50 -11.13 11.36
C PRO B 81 17.25 -11.90 12.68
N ILE B 82 18.13 -11.73 13.66
CA ILE B 82 17.89 -12.25 15.00
C ILE B 82 16.58 -11.71 15.59
N CYS B 83 16.39 -10.37 15.55
CA CYS B 83 15.13 -9.78 15.98
C CYS B 83 13.94 -10.36 15.24
N GLN B 84 14.08 -10.47 13.91
CA GLN B 84 13.00 -11.00 13.05
C GLN B 84 12.69 -12.49 13.32
N ALA B 85 13.72 -13.27 13.60
CA ALA B 85 13.52 -14.68 13.94
C ALA B 85 12.84 -14.81 15.32
N ALA B 86 12.99 -13.78 16.15
CA ALA B 86 12.32 -13.69 17.47
C ALA B 86 10.89 -13.20 17.32
N GLY B 87 10.45 -13.00 16.08
CA GLY B 87 9.12 -12.47 15.77
C GLY B 87 8.91 -10.96 15.96
N LYS B 88 9.98 -10.18 16.11
CA LYS B 88 9.87 -8.73 16.27
C LYS B 88 9.83 -8.06 14.92
N LYS B 89 9.15 -6.92 14.83
CA LYS B 89 9.17 -6.06 13.65
C LYS B 89 10.30 -5.05 13.77
N VAL B 90 11.08 -4.91 12.70
CA VAL B 90 12.16 -3.94 12.69
C VAL B 90 11.90 -2.87 11.65
N LEU B 91 11.73 -1.65 12.14
CA LEU B 91 11.42 -0.51 11.26
C LEU B 91 12.63 0.44 11.16
N LEU B 92 12.90 0.91 9.93
CA LEU B 92 13.93 1.94 9.72
C LEU B 92 13.30 3.32 9.95
N SER B 93 13.87 4.14 10.84
CA SER B 93 13.31 5.43 11.17
C SER B 93 14.02 6.59 10.45
N ILE B 94 13.20 7.53 10.01
CA ILE B 94 13.64 8.69 9.23
C ILE B 94 13.44 9.95 10.06
N GLY B 95 14.51 10.73 10.22
CA GLY B 95 14.40 12.00 10.90
C GLY B 95 15.17 11.97 12.19
N GLY B 96 14.45 12.08 13.30
CA GLY B 96 15.06 12.27 14.63
C GLY B 96 15.30 13.74 14.96
N ALA B 97 15.77 14.01 16.17
CA ALA B 97 16.00 15.40 16.59
C ALA B 97 17.11 16.14 15.82
N TYR B 98 18.14 15.43 15.41
CA TYR B 98 19.39 16.04 14.93
C TYR B 98 19.79 15.55 13.53
N PRO B 99 20.09 16.46 12.61
CA PRO B 99 20.16 17.92 12.77
C PRO B 99 18.78 18.60 12.60
N PRO B 100 18.70 19.92 12.90
CA PRO B 100 17.36 20.51 12.83
C PRO B 100 17.03 21.15 11.48
N ASP B 101 17.83 20.91 10.44
CA ASP B 101 17.66 21.63 9.17
C ASP B 101 17.24 20.79 7.93
N GLN B 102 16.69 19.60 8.15
CA GLN B 102 16.39 18.71 7.02
C GLN B 102 14.91 18.75 6.69
N SER B 103 14.57 18.71 5.40
CA SER B 103 13.17 18.66 4.98
C SER B 103 13.07 18.15 3.54
N ILE B 104 11.84 18.01 3.02
CA ILE B 104 11.64 17.61 1.63
C ILE B 104 11.14 18.82 0.86
N LEU B 105 11.74 19.10 -0.30
CA LEU B 105 11.48 20.34 -1.03
C LEU B 105 10.46 20.20 -2.17
N SER B 106 10.27 19.00 -2.70
CA SER B 106 9.34 18.85 -3.84
C SER B 106 8.65 17.51 -3.80
N GLU B 107 7.50 17.41 -4.50
CA GLU B 107 6.84 16.11 -4.64
C GLU B 107 7.77 15.11 -5.35
N ASP B 108 8.53 15.56 -6.35
CA ASP B 108 9.51 14.67 -7.01
C ASP B 108 10.55 14.11 -6.03
N SER B 109 11.12 14.97 -5.20
CA SER B 109 12.16 14.49 -4.28
C SER B 109 11.56 13.63 -3.16
N ALA B 110 10.31 13.88 -2.76
CA ALA B 110 9.59 12.92 -1.86
C ALA B 110 9.53 11.51 -2.44
N VAL B 111 9.15 11.42 -3.73
CA VAL B 111 9.01 10.10 -4.37
C VAL B 111 10.40 9.42 -4.43
N ALA B 112 11.39 10.18 -4.89
CA ALA B 112 12.75 9.68 -5.06
C ALA B 112 13.35 9.24 -3.75
N PHE B 113 12.99 9.90 -2.63
CA PHE B 113 13.46 9.53 -1.28
C PHE B 113 12.90 8.13 -0.94
N ALA B 114 11.61 7.89 -1.18
CA ALA B 114 11.04 6.57 -0.94
C ALA B 114 11.67 5.53 -1.84
N THR B 115 11.83 5.85 -3.11
CA THR B 115 12.44 4.90 -4.05
C THR B 115 13.82 4.47 -3.58
N PHE B 116 14.62 5.44 -3.15
CA PHE B 116 15.98 5.14 -2.73
C PHE B 116 15.98 4.23 -1.49
N LEU B 117 15.15 4.55 -0.51
CA LEU B 117 15.16 3.77 0.73
C LEU B 117 14.61 2.35 0.52
N TRP B 118 13.58 2.24 -0.32
CA TRP B 118 12.99 0.95 -0.68
C TRP B 118 14.03 0.07 -1.37
N GLY B 119 14.75 0.66 -2.33
CA GLY B 119 15.87 -0.01 -3.00
C GLY B 119 17.02 -0.42 -2.05
N ALA B 120 17.40 0.48 -1.15
CA ALA B 120 18.59 0.24 -0.31
C ALA B 120 18.31 -0.65 0.91
N PHE B 121 17.11 -0.53 1.49
CA PHE B 121 16.76 -1.27 2.68
C PHE B 121 15.58 -2.24 2.56
N GLY B 122 14.82 -2.19 1.48
CA GLY B 122 13.72 -3.16 1.33
C GLY B 122 14.20 -4.43 0.68
N PRO B 123 13.30 -5.16 -0.01
CA PRO B 123 13.69 -6.37 -0.72
C PRO B 123 14.87 -6.15 -1.68
N VAL B 124 15.71 -7.17 -1.83
CA VAL B 124 16.77 -7.18 -2.82
C VAL B 124 16.09 -7.33 -4.18
N ALA B 125 16.48 -6.51 -5.14
CA ALA B 125 15.80 -6.47 -6.43
C ALA B 125 16.81 -6.62 -7.52
N GLU B 126 16.37 -7.28 -8.59
CA GLU B 126 17.26 -7.66 -9.69
C GLU B 126 18.01 -6.42 -10.22
N GLY B 127 17.25 -5.39 -10.58
CA GLY B 127 17.83 -4.21 -11.22
C GLY B 127 18.45 -3.15 -10.31
N TRP B 128 18.53 -3.41 -9.01
CA TRP B 128 19.03 -2.42 -8.09
C TRP B 128 20.55 -2.32 -8.09
N GLU B 129 21.06 -1.16 -8.40
CA GLU B 129 22.49 -0.97 -8.44
C GLU B 129 23.02 0.01 -7.42
N GLY B 130 22.22 0.34 -6.44
CA GLY B 130 22.59 1.27 -5.43
C GLY B 130 23.07 0.54 -4.23
N PRO B 131 23.30 1.26 -3.17
CA PRO B 131 23.89 0.70 -1.97
C PRO B 131 22.93 -0.27 -1.25
N ARG B 132 23.50 -1.18 -0.46
CA ARG B 132 22.71 -2.01 0.44
C ARG B 132 23.39 -1.91 1.81
N PRO B 133 23.06 -0.86 2.58
CA PRO B 133 23.82 -0.61 3.80
C PRO B 133 23.64 -1.70 4.85
N PHE B 134 22.55 -2.45 4.79
CA PHE B 134 22.40 -3.59 5.70
C PHE B 134 22.51 -4.94 4.98
N GLY B 135 23.14 -4.94 3.81
CA GLY B 135 23.30 -6.15 3.01
C GLY B 135 21.94 -6.65 2.56
N ASP B 136 21.77 -7.97 2.62
CA ASP B 136 20.55 -8.67 2.19
C ASP B 136 19.37 -8.57 3.15
N VAL B 137 19.60 -8.06 4.36
CA VAL B 137 18.52 -7.81 5.32
C VAL B 137 17.40 -6.97 4.68
N VAL B 138 16.15 -7.29 5.02
CA VAL B 138 14.97 -6.58 4.56
C VAL B 138 14.23 -6.06 5.79
N VAL B 139 14.17 -4.73 5.95
CA VAL B 139 13.45 -4.16 7.08
C VAL B 139 11.95 -4.45 6.92
N ASP B 140 11.22 -4.42 8.02
CA ASP B 140 9.78 -4.63 7.97
C ASP B 140 9.00 -3.36 7.64
N GLY B 141 9.70 -2.23 7.55
CA GLY B 141 9.01 -0.99 7.18
C GLY B 141 9.75 0.24 7.65
N PHE B 142 9.04 1.37 7.61
CA PHE B 142 9.63 2.68 7.78
C PHE B 142 8.87 3.54 8.79
N ASP B 143 9.63 4.18 9.67
CA ASP B 143 9.08 5.03 10.69
C ASP B 143 9.41 6.51 10.36
N PHE B 144 8.41 7.38 10.46
CA PHE B 144 8.54 8.81 10.12
C PHE B 144 8.58 9.62 11.40
N ASP B 145 9.80 9.83 11.88
CA ASP B 145 10.02 10.59 13.11
C ASP B 145 10.51 11.98 12.72
N ILE B 146 9.63 12.73 12.08
CA ILE B 146 9.94 14.08 11.58
C ILE B 146 9.65 15.08 12.70
N GLU B 147 10.67 15.86 13.10
CA GLU B 147 10.56 16.75 14.25
C GLU B 147 10.78 18.25 13.97
N HIS B 148 11.12 18.59 12.72
CA HIS B 148 11.39 19.97 12.35
C HIS B 148 10.92 20.25 10.93
N ASN B 149 10.67 21.55 10.67
CA ASN B 149 10.54 22.15 9.33
C ASN B 149 9.26 21.82 8.57
N GLY B 150 8.25 21.35 9.30
CA GLY B 150 6.90 21.27 8.69
C GLY B 150 6.66 19.99 7.94
N GLY B 151 5.52 19.90 7.24
CA GLY B 151 4.99 18.60 6.86
C GLY B 151 4.95 18.35 5.35
N PHE B 152 5.66 19.17 4.60
CA PHE B 152 5.65 19.04 3.14
C PHE B 152 6.28 17.74 2.71
N GLY B 153 5.60 17.02 1.81
CA GLY B 153 6.20 15.87 1.12
C GLY B 153 6.10 14.50 1.77
N TYR B 154 5.91 14.46 3.10
CA TYR B 154 5.82 13.18 3.80
C TYR B 154 4.65 12.29 3.34
N ALA B 155 3.47 12.87 3.14
CA ALA B 155 2.32 12.10 2.62
C ALA B 155 2.70 11.36 1.33
N THR B 156 3.31 12.11 0.42
CA THR B 156 3.75 11.55 -0.86
C THR B 156 4.75 10.42 -0.64
N MET B 157 5.71 10.65 0.26
CA MET B 157 6.72 9.64 0.51
C MET B 157 6.08 8.38 1.10
N VAL B 158 5.19 8.54 2.09
CA VAL B 158 4.47 7.43 2.68
C VAL B 158 3.66 6.65 1.64
N ASN B 159 2.95 7.36 0.78
CA ASN B 159 2.13 6.72 -0.26
C ASN B 159 2.95 6.04 -1.33
N THR B 160 4.12 6.58 -1.63
CA THR B 160 5.07 5.90 -2.52
C THR B 160 5.52 4.54 -1.90
N PHE B 161 5.88 4.56 -0.60
CA PHE B 161 6.20 3.32 0.11
C PHE B 161 5.00 2.36 0.04
N ARG B 162 3.79 2.86 0.26
CA ARG B 162 2.60 1.96 0.18
C ARG B 162 2.45 1.32 -1.21
N GLN B 163 2.69 2.08 -2.28
CA GLN B 163 2.67 1.57 -3.66
C GLN B 163 3.70 0.48 -3.84
N TYR B 164 4.86 0.67 -3.22
CA TYR B 164 5.90 -0.35 -3.24
C TYR B 164 5.50 -1.61 -2.46
N PHE B 165 5.01 -1.44 -1.24
CA PHE B 165 4.53 -2.54 -0.42
C PHE B 165 3.50 -3.38 -1.21
N ASN B 166 2.61 -2.71 -1.92
CA ASN B 166 1.53 -3.39 -2.66
C ASN B 166 2.01 -4.21 -3.87
N GLN B 167 3.28 -4.01 -4.25
CA GLN B 167 3.93 -4.82 -5.27
C GLN B 167 4.47 -6.12 -4.65
N VAL B 168 4.35 -6.30 -3.33
CA VAL B 168 4.85 -7.54 -2.65
C VAL B 168 3.72 -8.13 -1.79
N PRO B 169 2.66 -8.65 -2.45
CA PRO B 169 1.50 -9.10 -1.69
C PRO B 169 1.79 -10.26 -0.75
N GLU B 170 2.85 -11.02 -0.99
CA GLU B 170 3.16 -12.14 -0.12
C GLU B 170 3.77 -11.77 1.24
N ARG B 171 4.09 -10.49 1.49
CA ARG B 171 4.67 -10.09 2.77
C ARG B 171 4.08 -8.75 3.20
N LYS B 172 3.84 -8.61 4.50
CA LYS B 172 3.31 -7.38 5.04
C LYS B 172 4.49 -6.49 5.48
N PHE B 173 4.39 -5.20 5.18
CA PHE B 173 5.37 -4.19 5.61
C PHE B 173 4.58 -3.12 6.34
N TYR B 174 5.26 -2.29 7.11
CA TYR B 174 4.57 -1.33 7.99
C TYR B 174 5.05 0.08 7.83
N LEU B 175 4.14 1.03 8.06
CA LEU B 175 4.48 2.45 8.08
C LEU B 175 4.07 3.04 9.42
N SER B 176 4.96 3.81 10.05
CA SER B 176 4.60 4.41 11.30
C SER B 176 5.00 5.90 11.32
N ALA B 177 4.48 6.64 12.31
CA ALA B 177 4.76 8.06 12.47
C ALA B 177 4.89 8.37 13.95
N ALA B 178 5.75 9.33 14.31
CA ALA B 178 6.02 9.72 15.68
C ALA B 178 5.75 11.20 15.96
N PRO B 179 4.47 11.65 15.87
CA PRO B 179 4.19 13.07 16.15
C PRO B 179 4.36 13.41 17.61
N GLN B 180 4.44 14.71 17.90
CA GLN B 180 4.39 15.18 19.25
C GLN B 180 2.94 15.47 19.58
N CYS B 181 2.68 15.86 20.83
CA CYS B 181 1.31 15.81 21.37
C CYS B 181 0.32 16.90 20.87
N ILE B 182 0.83 18.08 20.51
CA ILE B 182 -0.04 19.16 20.00
C ILE B 182 -0.71 18.78 18.67
N ILE B 183 -2.02 19.06 18.59
CA ILE B 183 -2.78 18.88 17.35
C ILE B 183 -3.09 20.26 16.79
N PRO B 184 -2.86 20.48 15.48
CA PRO B 184 -2.29 19.58 14.49
C PRO B 184 -0.76 19.52 14.67
N ASP B 185 -0.16 18.36 14.44
CA ASP B 185 1.29 18.27 14.55
C ASP B 185 1.89 18.89 13.29
N ALA B 186 2.82 19.82 13.46
CA ALA B 186 3.28 20.65 12.32
C ALA B 186 3.97 19.83 11.25
N GLN B 187 4.66 18.76 11.68
CA GLN B 187 5.39 17.89 10.76
C GLN B 187 4.53 16.78 10.16
N LEU B 188 3.61 16.20 10.95
CA LEU B 188 2.99 14.93 10.53
C LEU B 188 1.47 14.95 10.32
N SER B 189 0.83 16.06 10.65
CA SER B 189 -0.62 16.12 10.51
C SER B 189 -1.04 15.95 9.05
N ASP B 190 -0.29 16.56 8.14
CA ASP B 190 -0.63 16.43 6.72
C ASP B 190 -0.54 14.97 6.26
N ALA B 191 0.58 14.33 6.59
CA ALA B 191 0.80 12.92 6.30
C ALA B 191 -0.34 12.03 6.87
N ILE B 192 -0.73 12.29 8.13
CA ILE B 192 -1.77 11.51 8.80
C ILE B 192 -3.17 11.65 8.07
N PHE B 193 -3.43 12.85 7.53
CA PHE B 193 -4.64 13.13 6.77
C PHE B 193 -4.60 12.65 5.32
N ASN B 194 -3.42 12.28 4.83
CA ASN B 194 -3.28 11.91 3.43
C ASN B 194 -2.63 10.54 3.21
N ALA B 195 -2.40 9.81 4.29
CA ALA B 195 -1.73 8.51 4.17
C ALA B 195 -2.17 7.61 5.30
N ALA B 196 -2.17 6.30 5.06
CA ALA B 196 -2.57 5.34 6.12
C ALA B 196 -1.33 4.75 6.83
N PHE B 197 -1.12 5.12 8.08
CA PHE B 197 -0.09 4.51 8.91
C PHE B 197 -0.66 3.32 9.67
N ASP B 198 0.17 2.29 9.84
CA ASP B 198 -0.15 1.17 10.72
C ASP B 198 -0.10 1.57 12.19
N PHE B 199 0.93 2.32 12.57
CA PHE B 199 1.16 2.64 13.99
C PHE B 199 1.48 4.11 14.11
N ILE B 200 0.92 4.77 15.12
CA ILE B 200 1.26 6.16 15.38
C ILE B 200 1.62 6.23 16.85
N TRP B 201 2.88 6.57 17.17
CA TRP B 201 3.29 6.72 18.56
C TRP B 201 3.47 8.20 18.80
N ILE B 202 2.62 8.73 19.67
CA ILE B 202 2.62 10.14 20.00
C ILE B 202 3.67 10.31 21.08
N GLN B 203 4.63 11.19 20.83
CA GLN B 203 5.68 11.45 21.82
C GLN B 203 5.06 12.28 22.95
N TYR B 204 4.81 11.67 24.10
CA TYR B 204 4.14 12.38 25.19
C TYR B 204 5.10 12.92 26.25
N TYR B 205 6.24 13.40 25.76
CA TYR B 205 7.25 14.06 26.61
C TYR B 205 7.74 15.31 25.87
N ASN B 206 8.32 16.25 26.62
CA ASN B 206 8.93 17.48 26.10
C ASN B 206 8.02 18.67 25.70
N THR B 207 6.70 18.44 25.67
CA THR B 207 5.75 19.52 25.47
C THR B 207 4.75 19.54 26.62
N ALA B 208 4.72 20.65 27.34
CA ALA B 208 3.98 20.74 28.62
C ALA B 208 2.46 20.72 28.46
N ALA B 209 1.97 21.33 27.39
CA ALA B 209 0.52 21.45 27.11
C ALA B 209 -0.27 20.16 27.22
N CYS B 210 0.32 19.07 26.74
CA CYS B 210 -0.42 17.82 26.58
C CYS B 210 0.40 16.57 26.96
N SER B 211 1.39 16.71 27.84
CA SER B 211 2.28 15.58 28.18
C SER B 211 1.58 14.45 28.96
N ALA B 212 2.18 13.25 28.92
CA ALA B 212 1.69 12.14 29.77
C ALA B 212 1.80 12.50 31.25
N LYS B 213 2.82 13.27 31.62
CA LYS B 213 2.98 13.71 33.02
C LYS B 213 1.75 14.52 33.49
N SER B 214 1.15 15.28 32.56
CA SER B 214 -0.03 16.10 32.90
C SER B 214 -1.31 15.26 33.19
N PHE B 215 -1.29 13.97 32.82
CA PHE B 215 -2.32 13.02 33.28
C PHE B 215 -2.16 12.71 34.77
N ILE B 216 -0.92 12.73 35.25
CA ILE B 216 -0.65 12.47 36.65
C ILE B 216 -0.88 13.74 37.47
N ASP B 217 -0.32 14.86 36.99
CA ASP B 217 -0.49 16.17 37.61
C ASP B 217 -1.20 17.09 36.59
N THR B 218 -2.53 17.17 36.73
CA THR B 218 -3.38 17.89 35.78
C THR B 218 -3.21 19.42 35.81
N SER B 219 -2.41 19.93 36.76
CA SER B 219 -2.10 21.37 36.82
C SER B 219 -1.09 21.77 35.73
N LEU B 220 -0.44 20.78 35.11
CA LEU B 220 0.63 21.02 34.15
C LEU B 220 0.14 21.20 32.73
N GLY B 221 -1.03 20.65 32.43
CA GLY B 221 -1.52 20.64 31.08
C GLY B 221 -2.65 19.67 31.06
N THR B 222 -3.07 19.28 29.86
CA THR B 222 -4.17 18.33 29.70
C THR B 222 -3.75 17.22 28.74
N PHE B 223 -3.63 16.01 29.27
CA PHE B 223 -3.32 14.84 28.44
C PHE B 223 -4.40 14.65 27.40
N ASN B 224 -4.01 14.59 26.12
CA ASN B 224 -4.99 14.67 25.03
C ASN B 224 -5.14 13.45 24.15
N PHE B 225 -4.99 12.27 24.72
CA PHE B 225 -5.12 11.03 23.96
C PHE B 225 -6.53 11.00 23.39
N ASP B 226 -7.53 11.47 24.15
CA ASP B 226 -8.93 11.48 23.63
C ASP B 226 -8.99 12.27 22.28
N ALA B 227 -8.36 13.44 22.26
CA ALA B 227 -8.31 14.29 21.05
C ALA B 227 -7.60 13.62 19.91
N TRP B 228 -6.54 12.89 20.22
CA TRP B 228 -5.83 12.15 19.18
C TRP B 228 -6.67 11.05 18.52
N VAL B 229 -7.42 10.32 19.35
CA VAL B 229 -8.37 9.33 18.81
C VAL B 229 -9.37 9.99 17.87
N THR B 230 -9.93 11.13 18.30
CA THR B 230 -10.90 11.88 17.49
C THR B 230 -10.27 12.29 16.15
N VAL B 231 -9.06 12.82 16.17
CA VAL B 231 -8.52 13.31 14.90
C VAL B 231 -8.12 12.15 14.02
N LEU B 232 -7.63 11.09 14.67
CA LEU B 232 -7.29 9.87 13.98
C LEU B 232 -8.50 9.32 13.25
N LYS B 233 -9.64 9.18 13.94
CA LYS B 233 -10.86 8.62 13.30
C LYS B 233 -11.35 9.48 12.13
N ALA B 234 -10.94 10.75 12.15
CA ALA B 234 -11.35 11.72 11.12
C ALA B 234 -10.38 11.78 9.91
N SER B 235 -9.45 10.82 9.85
CA SER B 235 -8.30 10.89 8.93
C SER B 235 -8.16 9.62 8.12
N ALA B 236 -7.22 9.63 7.18
CA ALA B 236 -6.81 8.45 6.39
C ALA B 236 -6.14 7.34 7.21
N SER B 237 -5.65 7.71 8.39
CA SER B 237 -5.05 6.77 9.33
C SER B 237 -6.07 6.30 10.36
N LYS B 238 -7.36 6.31 10.00
CA LYS B 238 -8.44 5.88 10.91
C LYS B 238 -8.24 4.51 11.57
N ASP B 239 -7.56 3.59 10.86
CA ASP B 239 -7.38 2.23 11.35
C ASP B 239 -6.03 2.06 12.05
N ALA B 240 -5.26 3.13 12.17
CA ALA B 240 -3.96 3.06 12.90
C ALA B 240 -4.16 2.68 14.34
N LYS B 241 -3.18 1.98 14.87
CA LYS B 241 -3.08 1.78 16.28
C LYS B 241 -2.22 2.89 16.93
N LEU B 242 -2.75 3.42 18.00
CA LEU B 242 -2.27 4.57 18.69
C LEU B 242 -1.54 4.21 19.96
N TYR B 243 -0.30 4.63 20.02
CA TYR B 243 0.60 4.29 21.13
C TYR B 243 0.95 5.50 22.01
N VAL B 244 1.18 5.28 23.30
CA VAL B 244 1.63 6.35 24.17
C VAL B 244 3.18 6.27 24.21
N GLY B 245 3.87 7.30 23.70
CA GLY B 245 5.33 7.30 23.69
C GLY B 245 5.88 8.00 24.92
N LEU B 246 6.86 7.38 25.57
CA LEU B 246 7.31 7.79 26.90
C LEU B 246 8.84 7.71 27.00
N PRO B 247 9.44 8.58 27.82
CA PRO B 247 10.88 8.43 28.10
C PRO B 247 11.13 7.18 28.92
N ALA B 248 12.17 6.41 28.59
CA ALA B 248 12.45 5.18 29.30
C ALA B 248 13.26 5.40 30.60
N SER B 249 13.64 6.64 30.86
CA SER B 249 14.35 7.01 32.10
C SER B 249 14.18 8.49 32.39
N GLU B 250 14.59 8.90 33.60
CA GLU B 250 14.54 10.31 34.02
C GLU B 250 15.29 11.24 33.06
N THR B 251 16.39 10.80 32.48
CA THR B 251 17.20 11.70 31.62
C THR B 251 17.04 11.45 30.11
N ALA B 252 16.15 10.53 29.73
CA ALA B 252 15.85 10.27 28.31
C ALA B 252 15.23 11.47 27.60
N ALA B 253 14.45 12.26 28.34
CA ALA B 253 13.78 13.47 27.84
C ALA B 253 14.07 14.61 28.80
N ASN B 254 13.42 15.77 28.59
CA ASN B 254 13.58 16.91 29.50
C ASN B 254 13.04 16.60 30.89
N GLN B 255 13.55 17.30 31.90
CA GLN B 255 13.21 17.00 33.28
C GLN B 255 11.70 17.08 33.45
N GLY B 256 11.16 16.14 34.23
CA GLY B 256 9.73 16.13 34.59
C GLY B 256 8.79 15.44 33.61
N TYR B 257 9.31 14.72 32.63
CA TYR B 257 8.45 13.99 31.66
C TYR B 257 8.40 12.47 31.83
N TYR B 258 9.29 11.96 32.69
CA TYR B 258 9.41 10.54 32.98
C TYR B 258 8.28 10.13 33.92
N LEU B 259 7.65 8.98 33.66
CA LEU B 259 6.66 8.40 34.58
C LEU B 259 7.21 7.14 35.25
N THR B 260 6.95 6.98 36.56
CA THR B 260 7.21 5.70 37.21
C THR B 260 6.30 4.61 36.63
N PRO B 261 6.70 3.33 36.75
CA PRO B 261 5.79 2.28 36.29
C PRO B 261 4.38 2.39 36.87
N ASP B 262 4.25 2.69 38.15
CA ASP B 262 2.93 2.85 38.78
C ASP B 262 2.10 3.95 38.09
N GLU B 263 2.75 5.06 37.78
CA GLU B 263 2.12 6.14 37.02
C GLU B 263 1.68 5.71 35.61
N VAL B 264 2.55 5.01 34.89
CA VAL B 264 2.17 4.45 33.58
C VAL B 264 0.96 3.50 33.72
N GLU B 265 0.99 2.65 34.75
CA GLU B 265 -0.09 1.69 34.97
C GLU B 265 -1.44 2.40 35.06
N SER B 266 -1.50 3.49 35.82
CA SER B 266 -2.77 4.21 35.97
C SER B 266 -3.21 4.89 34.66
N LEU B 267 -2.25 5.42 33.90
CA LEU B 267 -2.58 5.99 32.59
C LEU B 267 -3.06 4.92 31.62
N VAL B 268 -2.27 3.86 31.51
CA VAL B 268 -2.56 2.80 30.54
C VAL B 268 -3.86 2.06 30.86
N SER B 269 -4.12 1.75 32.13
CA SER B 269 -5.38 1.07 32.50
C SER B 269 -6.61 1.88 32.10
N THR B 270 -6.54 3.21 32.31
CA THR B 270 -7.60 4.12 31.88
C THR B 270 -7.78 4.09 30.36
N TYR B 271 -6.70 4.31 29.63
CA TYR B 271 -6.80 4.49 28.19
C TYR B 271 -6.96 3.22 27.37
N MET B 272 -6.33 2.13 27.83
CA MET B 272 -6.55 0.83 27.22
C MET B 272 -8.02 0.40 27.40
N ASP B 273 -8.59 0.61 28.60
CA ASP B 273 -10.00 0.30 28.84
CA ASP B 273 -9.99 0.30 28.84
C ASP B 273 -10.91 1.19 27.99
N ARG B 274 -10.61 2.49 27.94
CA ARG B 274 -11.46 3.41 27.18
C ARG B 274 -11.40 3.18 25.65
N TYR B 275 -10.24 2.80 25.12
CA TYR B 275 -10.10 2.58 23.67
C TYR B 275 -9.55 1.19 23.28
N PRO B 276 -10.34 0.12 23.50
CA PRO B 276 -9.80 -1.23 23.26
C PRO B 276 -9.37 -1.48 21.82
N ASP B 277 -10.01 -0.84 20.84
CA ASP B 277 -9.67 -1.09 19.42
C ASP B 277 -8.77 -0.04 18.78
N THR B 278 -8.34 0.98 19.54
CA THR B 278 -7.45 1.97 18.94
C THR B 278 -6.12 2.03 19.69
N PHE B 279 -6.17 1.88 21.01
CA PHE B 279 -4.96 1.91 21.83
C PHE B 279 -4.08 0.75 21.38
N GLY B 280 -2.85 1.06 20.97
CA GLY B 280 -1.94 0.05 20.41
C GLY B 280 -0.87 -0.46 21.38
N GLY B 281 -0.55 0.35 22.37
CA GLY B 281 0.54 0.03 23.30
C GLY B 281 1.38 1.23 23.70
N ILE B 282 2.62 0.93 24.08
CA ILE B 282 3.58 1.91 24.60
C ILE B 282 4.76 1.94 23.64
N MET B 283 5.25 3.14 23.34
CA MET B 283 6.52 3.33 22.65
C MET B 283 7.49 3.95 23.67
N LEU B 284 8.76 3.55 23.62
CA LEU B 284 9.75 4.07 24.52
C LEU B 284 10.91 4.75 23.78
N TRP B 285 11.29 5.93 24.31
CA TRP B 285 12.53 6.57 23.91
C TRP B 285 13.44 6.41 25.14
N GLU B 286 14.49 5.57 25.11
CA GLU B 286 14.85 4.65 24.01
C GLU B 286 15.62 3.46 24.65
N ALA B 287 16.20 2.57 23.83
CA ALA B 287 16.70 1.29 24.34
C ALA B 287 17.77 1.38 25.43
N THR B 288 18.77 2.24 25.23
CA THR B 288 19.85 2.32 26.20
C THR B 288 19.37 2.94 27.51
N ALA B 289 18.53 3.97 27.42
CA ALA B 289 17.90 4.56 28.62
C ALA B 289 17.09 3.50 29.43
N SER B 290 16.30 2.69 28.72
CA SER B 290 15.60 1.56 29.33
C SER B 290 16.55 0.58 30.00
N GLU B 291 17.55 0.16 29.25
CA GLU B 291 18.51 -0.82 29.75
C GLU B 291 19.22 -0.30 31.01
N ASN B 292 19.47 1.01 31.06
CA ASN B 292 20.19 1.58 32.18
C ASN B 292 19.26 1.97 33.33
N ASN B 293 17.96 1.82 33.11
CA ASN B 293 16.98 2.12 34.16
C ASN B 293 16.41 0.81 34.69
N GLN B 294 17.24 0.16 35.53
CA GLN B 294 16.91 -1.12 36.12
C GLN B 294 16.08 -0.87 37.38
N ILE B 295 14.92 -1.50 37.42
CA ILE B 295 14.00 -1.41 38.56
C ILE B 295 13.69 -2.81 39.04
N ASP B 296 14.01 -3.08 40.30
CA ASP B 296 13.85 -4.41 40.88
C ASP B 296 14.40 -5.51 39.95
N GLY B 297 15.62 -5.30 39.42
CA GLY B 297 16.28 -6.35 38.63
C GLY B 297 15.84 -6.45 37.16
N ALA B 298 14.96 -5.56 36.71
CA ALA B 298 14.52 -5.57 35.27
C ALA B 298 14.56 -4.17 34.66
N PRO B 299 14.93 -4.07 33.36
CA PRO B 299 14.94 -2.79 32.64
C PRO B 299 13.51 -2.23 32.52
N TYR B 300 13.40 -0.91 32.36
CA TYR B 300 12.09 -0.24 32.26
C TYR B 300 11.15 -0.92 31.24
N ALA B 301 11.68 -1.27 30.08
CA ALA B 301 10.87 -1.87 29.00
C ALA B 301 10.10 -3.13 29.44
N ASP B 302 10.75 -3.95 30.27
CA ASP B 302 10.09 -5.14 30.84
C ASP B 302 8.88 -4.80 31.70
N HIS B 303 9.01 -3.75 32.53
CA HIS B 303 7.90 -3.29 33.34
C HIS B 303 6.75 -2.77 32.49
N MET B 304 7.08 -2.17 31.34
CA MET B 304 6.07 -1.66 30.43
C MET B 304 5.25 -2.79 29.85
N LYS B 305 5.93 -3.86 29.46
CA LYS B 305 5.22 -5.04 28.98
C LYS B 305 4.31 -5.65 30.06
N ASP B 306 4.80 -5.77 31.29
CA ASP B 306 3.98 -6.30 32.41
C ASP B 306 2.70 -5.50 32.57
N ILE B 307 2.82 -4.17 32.50
CA ILE B 307 1.64 -3.30 32.54
C ILE B 307 0.67 -3.59 31.38
N LEU B 308 1.18 -3.74 30.15
CA LEU B 308 0.33 -4.03 29.00
C LEU B 308 -0.37 -5.38 29.08
N LEU B 309 0.27 -6.36 29.73
CA LEU B 309 -0.29 -7.70 29.90
C LEU B 309 -1.17 -7.79 31.14
N HIS B 310 -0.96 -6.87 32.08
CA HIS B 310 -1.61 -6.93 33.38
C HIS B 310 -3.13 -6.90 33.23
#